data_4GAT
#
_entry.id   4GAT
#
_cell.length_a   1.000
_cell.length_b   1.000
_cell.length_c   1.000
_cell.angle_alpha   90.00
_cell.angle_beta   90.00
_cell.angle_gamma   90.00
#
_symmetry.space_group_name_H-M   'P 1'
#
loop_
_entity.id
_entity.type
_entity.pdbx_description
1 polymer "DNA (5'-D(*CP*AP*GP*CP*GP*AP*TP*AP*GP*AP*GP*AP*C)-3')"
2 polymer "DNA (5'-D(*GP*TP*CP*TP*CP*TP*AP*TP*CP*GP*CP*TP*G)-3')"
3 polymer 'NITROGEN REGULATORY PROTEIN AREA'
4 non-polymer 'ZINC ION'
#
loop_
_entity_poly.entity_id
_entity_poly.type
_entity_poly.pdbx_seq_one_letter_code
_entity_poly.pdbx_strand_id
1 'polydeoxyribonucleotide' (DC)(DA)(DG)(DC)(DG)(DA)(DT)(DA)(DG)(DA)(DG)(DA)(DC) B
2 'polydeoxyribonucleotide' (DG)(DT)(DC)(DT)(DC)(DT)(DA)(DT)(DC)(DG)(DC)(DT)(DG) C
3 'polypeptide(L)' MKNGEQNGPTTCTNCFTQTTPLWRRNPEGQPLCNACGLFLKLHGVVRPLSLKTDVIKKRNRNSANS A
#
loop_
_chem_comp.id
_chem_comp.type
_chem_comp.name
_chem_comp.formula
DA DNA linking 2'-DEOXYADENOSINE-5'-MONOPHOSPHATE 'C10 H14 N5 O6 P'
DC DNA linking 2'-DEOXYCYTIDINE-5'-MONOPHOSPHATE 'C9 H14 N3 O7 P'
DG DNA linking 2'-DEOXYGUANOSINE-5'-MONOPHOSPHATE 'C10 H14 N5 O7 P'
DT DNA linking THYMIDINE-5'-MONOPHOSPHATE 'C10 H15 N2 O8 P'
ZN non-polymer 'ZINC ION' 'Zn 2'
#
# COMPACT_ATOMS: atom_id res chain seq x y z
N MET C 1 -6.25 20.05 2.76
CA MET C 1 -7.26 21.02 3.31
C MET C 1 -7.95 20.32 4.49
N LYS C 2 -8.15 20.98 5.59
CA LYS C 2 -8.75 20.25 6.74
C LYS C 2 -10.19 19.83 6.45
N ASN C 3 -10.24 18.60 6.10
CA ASN C 3 -11.46 17.84 5.81
C ASN C 3 -10.95 16.40 5.93
N GLY C 4 -9.62 16.30 5.90
CA GLY C 4 -8.94 14.97 5.99
C GLY C 4 -9.69 14.07 5.05
N GLU C 5 -9.87 14.54 3.84
CA GLU C 5 -10.62 13.77 2.82
C GLU C 5 -10.13 14.17 1.42
N GLN C 6 -8.96 13.75 0.96
CA GLN C 6 -8.54 14.16 -0.43
C GLN C 6 -9.80 13.95 -1.28
N ASN C 7 -10.46 12.87 -0.93
CA ASN C 7 -11.77 12.49 -1.50
C ASN C 7 -12.52 12.00 -0.26
N GLY C 8 -11.80 11.25 0.55
CA GLY C 8 -12.36 10.71 1.81
C GLY C 8 -11.46 9.56 2.27
N PRO C 9 -11.45 8.48 1.53
CA PRO C 9 -10.63 7.28 1.85
C PRO C 9 -9.29 7.23 1.10
N THR C 10 -8.18 7.51 1.73
CA THR C 10 -6.89 7.41 0.99
C THR C 10 -6.89 6.01 0.37
N THR C 11 -6.97 5.94 -0.94
CA THR C 11 -7.10 4.62 -1.63
C THR C 11 -5.94 4.36 -2.59
N CYS C 12 -5.55 3.12 -2.67
CA CYS C 12 -4.44 2.71 -3.59
C CYS C 12 -4.96 2.82 -5.03
N THR C 13 -4.46 3.76 -5.77
CA THR C 13 -4.93 3.93 -7.17
C THR C 13 -4.57 2.70 -8.00
N ASN C 14 -3.79 1.81 -7.45
CA ASN C 14 -3.38 0.59 -8.21
C ASN C 14 -4.20 -0.64 -7.80
N CYS C 15 -4.52 -0.81 -6.54
CA CYS C 15 -5.28 -2.04 -6.11
C CYS C 15 -6.51 -1.70 -5.25
N PHE C 16 -6.81 -0.44 -5.07
CA PHE C 16 -8.03 -0.05 -4.28
C PHE C 16 -8.05 -0.61 -2.85
N THR C 17 -7.01 -1.23 -2.37
CA THR C 17 -7.06 -1.80 -0.99
C THR C 17 -7.18 -0.70 0.06
N GLN C 18 -8.03 -0.90 1.03
CA GLN C 18 -8.22 0.10 2.12
C GLN C 18 -7.44 -0.37 3.36
N THR C 19 -7.03 -1.61 3.37
CA THR C 19 -6.28 -2.16 4.54
C THR C 19 -4.79 -2.29 4.20
N THR C 20 -3.95 -1.64 4.96
CA THR C 20 -2.48 -1.73 4.70
C THR C 20 -1.73 -1.18 5.93
N PRO C 21 -0.59 -1.73 6.26
CA PRO C 21 0.21 -1.25 7.43
C PRO C 21 1.02 0.01 7.09
N LEU C 22 1.23 0.27 5.83
CA LEU C 22 2.03 1.47 5.45
C LEU C 22 1.61 1.95 4.06
N TRP C 23 1.27 3.22 3.98
CA TRP C 23 0.83 3.80 2.68
C TRP C 23 2.04 4.26 1.86
N ARG C 24 2.20 3.75 0.67
CA ARG C 24 3.36 4.14 -0.19
C ARG C 24 2.83 5.05 -1.31
N ARG C 25 3.69 5.56 -2.16
CA ARG C 25 3.23 6.44 -3.27
C ARG C 25 4.07 6.19 -4.52
N ASN C 26 3.57 6.55 -5.66
CA ASN C 26 4.32 6.36 -6.93
C ASN C 26 5.22 7.59 -7.17
N PRO C 27 6.43 7.42 -7.65
CA PRO C 27 7.32 8.59 -7.93
C PRO C 27 6.58 9.71 -8.65
N GLU C 28 5.39 9.43 -9.13
CA GLU C 28 4.59 10.46 -9.85
C GLU C 28 3.62 11.15 -8.90
N GLY C 29 3.76 10.89 -7.62
CA GLY C 29 2.87 11.53 -6.61
C GLY C 29 1.54 10.78 -6.46
N GLN C 30 1.39 9.65 -7.10
CA GLN C 30 0.12 8.88 -6.95
C GLN C 30 0.22 7.97 -5.72
N PRO C 31 -0.78 7.91 -4.88
CA PRO C 31 -0.74 7.07 -3.65
C PRO C 31 -0.80 5.56 -3.94
N LEU C 32 -0.04 4.80 -3.18
CA LEU C 32 -0.03 3.31 -3.34
C LEU C 32 -0.13 2.70 -1.95
N CYS C 33 -0.51 1.44 -1.84
CA CYS C 33 -0.57 0.83 -0.48
C CYS C 33 0.83 0.30 -0.13
N ASN C 34 0.91 -0.79 0.59
CA ASN C 34 2.25 -1.32 0.96
C ASN C 34 2.89 -2.14 -0.18
N ALA C 35 2.26 -3.22 -0.58
CA ALA C 35 2.85 -4.09 -1.63
C ALA C 35 2.96 -3.41 -3.01
N CYS C 36 1.97 -2.66 -3.44
CA CYS C 36 2.08 -2.01 -4.79
C CYS C 36 3.32 -1.12 -4.85
N GLY C 37 3.46 -0.21 -3.93
CA GLY C 37 4.65 0.68 -3.94
C GLY C 37 5.93 -0.15 -3.78
N LEU C 38 5.93 -1.11 -2.90
CA LEU C 38 7.14 -1.95 -2.70
C LEU C 38 7.40 -2.86 -3.90
N PHE C 39 6.39 -3.43 -4.48
CA PHE C 39 6.61 -4.34 -5.64
C PHE C 39 6.85 -3.58 -6.93
N LEU C 40 5.99 -2.65 -7.26
CA LEU C 40 6.15 -1.93 -8.55
C LEU C 40 7.51 -1.26 -8.59
N LYS C 41 7.89 -0.58 -7.54
CA LYS C 41 9.22 0.09 -7.52
C LYS C 41 10.34 -0.95 -7.70
N LEU C 42 10.26 -2.03 -6.98
CA LEU C 42 11.34 -3.07 -7.07
C LEU C 42 11.33 -3.80 -8.42
N HIS C 43 10.17 -4.06 -8.99
CA HIS C 43 10.13 -4.82 -10.27
C HIS C 43 10.10 -3.87 -11.48
N GLY C 44 9.44 -2.75 -11.39
CA GLY C 44 9.45 -1.77 -12.53
C GLY C 44 8.71 -2.32 -13.75
N VAL C 45 7.85 -3.29 -13.60
CA VAL C 45 7.11 -3.82 -14.79
C VAL C 45 5.65 -4.10 -14.40
N VAL C 46 4.75 -3.99 -15.33
CA VAL C 46 3.31 -4.24 -15.02
C VAL C 46 3.20 -5.57 -14.27
N ARG C 47 2.11 -5.81 -13.57
CA ARG C 47 2.01 -7.08 -12.80
C ARG C 47 0.54 -7.51 -12.61
N PRO C 48 0.19 -8.74 -12.92
CA PRO C 48 -1.20 -9.22 -12.67
C PRO C 48 -1.62 -8.84 -11.25
N LEU C 49 -2.36 -7.78 -11.11
CA LEU C 49 -2.79 -7.37 -9.74
C LEU C 49 -3.57 -8.53 -9.11
N SER C 50 -3.82 -9.55 -9.88
CA SER C 50 -4.56 -10.74 -9.36
C SER C 50 -3.79 -11.40 -8.21
N LEU C 51 -2.55 -11.04 -8.01
CA LEU C 51 -1.78 -11.65 -6.88
C LEU C 51 -2.27 -11.00 -5.60
N LYS C 52 -2.96 -9.91 -5.75
CA LYS C 52 -3.50 -9.17 -4.59
C LYS C 52 -4.36 -10.08 -3.72
N THR C 53 -4.43 -9.78 -2.44
CA THR C 53 -5.27 -10.60 -1.52
C THR C 53 -5.89 -9.69 -0.46
N ASP C 54 -7.06 -10.02 0.00
CA ASP C 54 -7.71 -9.19 1.06
C ASP C 54 -7.29 -9.74 2.41
N VAL C 55 -6.52 -10.79 2.39
CA VAL C 55 -6.01 -11.41 3.65
C VAL C 55 -4.50 -11.18 3.72
N ILE C 56 -4.03 -10.66 4.82
CA ILE C 56 -2.57 -10.40 4.98
C ILE C 56 -2.06 -11.23 6.15
N LYS C 57 -1.00 -11.95 5.95
CA LYS C 57 -0.44 -12.78 7.04
C LYS C 57 0.15 -11.86 8.10
N LYS C 58 -0.28 -11.99 9.32
CA LYS C 58 0.29 -11.12 10.39
C LYS C 58 1.61 -11.76 10.81
N ARG C 59 2.68 -11.01 10.81
CA ARG C 59 3.99 -11.58 11.21
C ARG C 59 4.24 -11.20 12.66
N ASN C 60 5.23 -11.78 13.26
CA ASN C 60 5.51 -11.44 14.67
C ASN C 60 6.16 -10.07 14.64
N ARG C 61 6.93 -9.74 15.63
CA ARG C 61 7.63 -8.45 15.64
C ARG C 61 8.96 -8.68 16.34
N ASN C 62 10.04 -8.25 15.74
CA ASN C 62 11.36 -8.49 16.40
C ASN C 62 11.45 -7.55 17.59
N SER C 63 10.32 -7.17 18.11
CA SER C 63 10.30 -6.26 19.28
C SER C 63 10.52 -7.08 20.55
N ALA C 64 10.63 -6.39 21.63
CA ALA C 64 10.84 -7.04 22.95
C ALA C 64 10.93 -5.89 23.94
N ASN C 65 12.13 -5.43 24.15
CA ASN C 65 12.39 -4.27 25.02
C ASN C 65 13.90 -4.06 24.99
N SER C 66 14.61 -4.95 25.63
CA SER C 66 16.10 -4.88 25.63
C SER C 66 16.63 -6.04 26.48
ZN ZN D . -2.07 -1.35 -3.58
#